data_4A4S
#
_entry.id   4A4S
#
_cell.length_a   1.000
_cell.length_b   1.000
_cell.length_c   1.000
_cell.angle_alpha   90.00
_cell.angle_beta   90.00
_cell.angle_gamma   90.00
#
_symmetry.space_group_name_H-M   'P 1'
#
_entity_poly.entity_id   1
_entity_poly.type   'polyribonucleotide'
_entity_poly.pdbx_seq_one_letter_code
;GGACCCGGCUCACGCUGGGUCC
;
_entity_poly.pdbx_strand_id   A
#